data_3SH2
#
_entry.id   3SH2
#
_cell.length_a   86.163
_cell.length_b   86.163
_cell.length_c   103.240
_cell.angle_alpha   90.000
_cell.angle_beta   90.000
_cell.angle_gamma   120.000
#
_symmetry.space_group_name_H-M   'P 61'
#
loop_
_entity.id
_entity.type
_entity.pdbx_description
1 polymer 'Dihydrofolate reductase'
2 non-polymer 'NADPH DIHYDRO-NICOTINAMIDE-ADENINE-DINUCLEOTIDE PHOSPHATE'
3 non-polymer 6-ethyl-5-[3-(4-methoxybiphenyl-3-yl)prop-1-yn-1-yl]pyrimidine-2,4-diamine
#
_entity_poly.entity_id   1
_entity_poly.type   'polypeptide(L)'
_entity_poly.pdbx_seq_one_letter_code
;TLSILVAHDLQRVIGFENQLPWHLPNDLKHVKKLSTGHTLVMGRKTFESIGKPLPNRRNVVLTSDTSFNVEGVDVIHSIE
DIYQLPGHVFIFGGQTLFEEMIDKVDDMYITVIEGKFRGDTFFPPYTFEDWEVASSVEGKLDEKNTIPHTFLHLIRKLEH
HHHHHHH
;
_entity_poly.pdbx_strand_id   A,B
#
# COMPACT_ATOMS: atom_id res chain seq x y z
N THR A 1 -14.29 -30.12 -0.26
CA THR A 1 -14.31 -28.68 0.17
C THR A 1 -13.98 -27.77 -1.01
N LEU A 2 -14.86 -26.79 -1.23
CA LEU A 2 -14.69 -25.83 -2.33
C LEU A 2 -14.44 -24.44 -1.77
N SER A 3 -13.29 -23.87 -2.13
CA SER A 3 -12.82 -22.61 -1.55
C SER A 3 -12.31 -21.65 -2.61
N ILE A 4 -12.52 -20.35 -2.39
CA ILE A 4 -11.90 -19.32 -3.23
C ILE A 4 -10.53 -18.93 -2.67
N LEU A 5 -9.55 -18.82 -3.56
CA LEU A 5 -8.22 -18.33 -3.21
C LEU A 5 -7.93 -17.07 -4.02
N VAL A 6 -7.88 -15.92 -3.33
CA VAL A 6 -7.74 -14.62 -3.99
C VAL A 6 -6.89 -13.64 -3.19
N ALA A 7 -6.25 -12.71 -3.92
CA ALA A 7 -5.58 -11.57 -3.32
C ALA A 7 -6.07 -10.29 -3.99
N HIS A 8 -6.83 -9.49 -3.25
CA HIS A 8 -7.30 -8.20 -3.76
C HIS A 8 -6.90 -7.03 -2.87
N ASP A 9 -6.87 -5.83 -3.44
CA ASP A 9 -6.52 -4.63 -2.69
C ASP A 9 -7.74 -4.02 -1.99
N LEU A 10 -7.59 -2.80 -1.48
CA LEU A 10 -8.64 -2.13 -0.69
C LEU A 10 -9.92 -1.85 -1.48
N GLN A 11 -9.81 -1.78 -2.81
CA GLN A 11 -10.96 -1.58 -3.69
C GLN A 11 -11.21 -2.82 -4.56
N ARG A 12 -10.78 -3.97 -4.05
CA ARG A 12 -10.99 -5.28 -4.69
C ARG A 12 -10.39 -5.45 -6.08
N VAL A 13 -9.32 -4.72 -6.37
CA VAL A 13 -8.54 -4.92 -7.59
C VAL A 13 -7.80 -6.25 -7.49
N ILE A 14 -7.90 -7.08 -8.53
CA ILE A 14 -7.17 -8.35 -8.55
C ILE A 14 -6.07 -8.40 -9.61
N GLY A 15 -6.24 -7.65 -10.70
CA GLY A 15 -5.25 -7.62 -11.75
C GLY A 15 -5.26 -6.37 -12.62
N PHE A 16 -4.18 -6.20 -13.38
CA PHE A 16 -4.04 -5.11 -14.34
C PHE A 16 -3.25 -5.59 -15.55
N GLU A 17 -3.87 -5.47 -16.73
CA GLU A 17 -3.28 -5.90 -18.00
C GLU A 17 -2.77 -7.33 -17.94
N ASN A 18 -3.70 -8.25 -17.65
CA ASN A 18 -3.45 -9.70 -17.60
C ASN A 18 -2.41 -10.15 -16.57
N GLN A 19 -2.15 -9.33 -15.55
CA GLN A 19 -1.20 -9.71 -14.50
C GLN A 19 -1.42 -9.00 -13.17
N LEU A 20 -0.79 -9.53 -12.12
CA LEU A 20 -0.91 -9.01 -10.77
C LEU A 20 -0.22 -7.66 -10.64
N PRO A 21 -0.92 -6.66 -10.05
CA PRO A 21 -0.39 -5.31 -9.88
C PRO A 21 0.65 -5.17 -8.76
N TRP A 22 1.00 -6.29 -8.12
CA TRP A 22 1.96 -6.29 -7.02
C TRP A 22 2.72 -7.60 -6.94
N HIS A 23 3.95 -7.54 -6.42
CA HIS A 23 4.71 -8.74 -6.10
C HIS A 23 4.88 -8.84 -4.60
N LEU A 24 4.35 -9.92 -4.03
CA LEU A 24 4.36 -10.12 -2.59
C LEU A 24 4.68 -11.59 -2.27
N PRO A 25 5.98 -11.90 -2.06
CA PRO A 25 6.46 -13.24 -1.72
C PRO A 25 5.67 -13.95 -0.61
N ASN A 26 5.23 -13.19 0.39
CA ASN A 26 4.46 -13.74 1.51
C ASN A 26 3.13 -14.34 1.06
N ASP A 27 2.51 -13.73 0.05
CA ASP A 27 1.27 -14.21 -0.54
C ASP A 27 1.51 -15.46 -1.37
N LEU A 28 2.65 -15.52 -2.05
CA LEU A 28 3.04 -16.70 -2.82
C LEU A 28 3.30 -17.88 -1.88
N LYS A 29 3.96 -17.60 -0.76
CA LYS A 29 4.21 -18.59 0.29
C LYS A 29 2.88 -19.09 0.84
N HIS A 30 1.94 -18.17 1.03
CA HIS A 30 0.59 -18.48 1.50
C HIS A 30 -0.15 -19.38 0.51
N VAL A 31 -0.01 -19.10 -0.78
CA VAL A 31 -0.63 -19.90 -1.84
C VAL A 31 -0.05 -21.32 -1.86
N LYS A 32 1.28 -21.42 -1.87
CA LYS A 32 1.93 -22.73 -1.94
C LYS A 32 1.70 -23.56 -0.67
N LYS A 33 1.73 -22.92 0.50
CA LYS A 33 1.46 -23.59 1.77
C LYS A 33 0.05 -24.16 1.85
N LEU A 34 -0.86 -23.54 1.09
CA LEU A 34 -2.30 -23.81 1.19
C LEU A 34 -2.81 -24.74 0.09
N SER A 35 -2.22 -24.65 -1.10
CA SER A 35 -2.73 -25.37 -2.27
C SER A 35 -1.90 -26.60 -2.69
N THR A 36 -0.66 -26.69 -2.23
CA THR A 36 0.22 -27.83 -2.54
C THR A 36 -0.41 -29.16 -2.12
N GLY A 37 -0.46 -30.10 -3.05
CA GLY A 37 -1.05 -31.42 -2.80
C GLY A 37 -2.56 -31.42 -2.96
N HIS A 38 -3.10 -30.35 -3.54
CA HIS A 38 -4.54 -30.24 -3.79
C HIS A 38 -4.82 -29.83 -5.23
N THR A 39 -5.98 -29.22 -5.47
CA THR A 39 -6.42 -28.88 -6.82
C THR A 39 -6.67 -27.39 -7.00
N LEU A 40 -6.20 -26.85 -8.11
CA LEU A 40 -6.45 -25.46 -8.49
C LEU A 40 -7.32 -25.40 -9.75
N VAL A 41 -8.46 -24.74 -9.65
CA VAL A 41 -9.31 -24.49 -10.81
C VAL A 41 -9.20 -23.02 -11.22
N MET A 42 -8.77 -22.80 -12.45
CA MET A 42 -8.57 -21.45 -12.98
C MET A 42 -9.19 -21.28 -14.37
N GLY A 43 -9.57 -20.04 -14.67
CA GLY A 43 -10.08 -19.70 -15.98
C GLY A 43 -8.96 -19.73 -17.01
N ARG A 44 -9.33 -19.84 -18.28
CA ARG A 44 -8.38 -20.00 -19.37
C ARG A 44 -7.41 -18.81 -19.49
N LYS A 45 -7.94 -17.60 -19.34
CA LYS A 45 -7.13 -16.37 -19.47
C LYS A 45 -6.05 -16.26 -18.39
N THR A 46 -6.38 -16.69 -17.17
CA THR A 46 -5.44 -16.68 -16.05
C THR A 46 -4.27 -17.63 -16.30
N PHE A 47 -4.55 -18.81 -16.85
CA PHE A 47 -3.51 -19.79 -17.15
C PHE A 47 -2.48 -19.26 -18.15
N GLU A 48 -2.96 -18.57 -19.19
CA GLU A 48 -2.08 -18.02 -20.22
C GLU A 48 -1.15 -16.95 -19.66
N SER A 49 -1.59 -16.27 -18.60
CA SER A 49 -0.78 -15.31 -17.87
C SER A 49 0.34 -16.01 -17.08
N ILE A 50 0.04 -17.19 -16.54
CA ILE A 50 1.03 -17.97 -15.79
C ILE A 50 1.99 -18.70 -16.73
N GLY A 51 1.45 -19.27 -17.80
CA GLY A 51 2.24 -19.96 -18.81
C GLY A 51 2.38 -21.45 -18.56
N LYS A 52 3.01 -21.79 -17.44
CA LYS A 52 3.20 -23.18 -17.04
C LYS A 52 2.20 -23.57 -15.95
N PRO A 53 1.92 -24.88 -15.78
CA PRO A 53 1.15 -25.29 -14.61
C PRO A 53 1.98 -25.17 -13.33
N LEU A 54 1.31 -25.02 -12.20
CA LEU A 54 2.01 -24.93 -10.92
C LEU A 54 2.36 -26.32 -10.38
N PRO A 55 3.63 -26.53 -10.00
CA PRO A 55 4.11 -27.83 -9.56
C PRO A 55 3.48 -28.29 -8.24
N ASN A 56 3.48 -29.61 -8.03
CA ASN A 56 3.03 -30.23 -6.77
C ASN A 56 1.54 -30.04 -6.43
N ARG A 57 0.72 -29.84 -7.47
CA ARG A 57 -0.73 -29.69 -7.32
C ARG A 57 -1.45 -29.93 -8.64
N ARG A 58 -2.70 -30.38 -8.55
CA ARG A 58 -3.49 -30.69 -9.73
C ARG A 58 -4.03 -29.40 -10.36
N ASN A 59 -3.63 -29.15 -11.60
CA ASN A 59 -4.01 -27.92 -12.30
C ASN A 59 -5.13 -28.14 -13.30
N VAL A 60 -6.31 -27.59 -12.98
CA VAL A 60 -7.48 -27.70 -13.84
C VAL A 60 -7.80 -26.33 -14.46
N VAL A 61 -7.97 -26.32 -15.78
CA VAL A 61 -8.30 -25.10 -16.52
C VAL A 61 -9.70 -25.21 -17.15
N LEU A 62 -10.53 -24.21 -16.90
CA LEU A 62 -11.88 -24.15 -17.44
C LEU A 62 -11.89 -23.33 -18.74
N THR A 63 -12.38 -23.93 -19.81
CA THR A 63 -12.43 -23.30 -21.13
C THR A 63 -13.48 -23.95 -22.03
N SER A 64 -14.12 -23.13 -22.88
CA SER A 64 -15.08 -23.62 -23.86
C SER A 64 -14.38 -24.27 -25.05
N ASP A 65 -13.10 -23.93 -25.23
CA ASP A 65 -12.26 -24.53 -26.27
C ASP A 65 -12.00 -26.00 -25.95
N THR A 66 -12.63 -26.89 -26.73
CA THR A 66 -12.53 -28.34 -26.53
C THR A 66 -11.23 -28.94 -27.06
N SER A 67 -10.50 -28.16 -27.87
CA SER A 67 -9.22 -28.61 -28.41
C SER A 67 -8.04 -28.23 -27.51
N PHE A 68 -8.35 -27.68 -26.33
CA PHE A 68 -7.34 -27.27 -25.37
C PHE A 68 -6.52 -28.47 -24.87
N ASN A 69 -5.20 -28.35 -24.98
CA ASN A 69 -4.28 -29.40 -24.56
C ASN A 69 -2.92 -28.83 -24.17
N VAL A 70 -2.62 -28.89 -22.87
CA VAL A 70 -1.32 -28.46 -22.35
C VAL A 70 -0.76 -29.52 -21.40
N GLU A 71 0.56 -29.73 -21.50
CA GLU A 71 1.30 -30.71 -20.70
C GLU A 71 1.09 -30.52 -19.20
N GLY A 72 0.55 -31.56 -18.55
CA GLY A 72 0.33 -31.55 -17.10
C GLY A 72 -0.82 -30.69 -16.63
N VAL A 73 -1.84 -30.55 -17.48
CA VAL A 73 -3.02 -29.74 -17.17
C VAL A 73 -4.29 -30.48 -17.55
N ASP A 74 -5.19 -30.63 -16.58
CA ASP A 74 -6.51 -31.22 -16.84
C ASP A 74 -7.48 -30.14 -17.32
N VAL A 75 -8.39 -30.53 -18.22
CA VAL A 75 -9.28 -29.57 -18.88
C VAL A 75 -10.75 -29.86 -18.57
N ILE A 76 -11.50 -28.80 -18.25
CA ILE A 76 -12.95 -28.89 -18.08
C ILE A 76 -13.66 -27.80 -18.90
N HIS A 77 -14.92 -28.04 -19.26
CA HIS A 77 -15.62 -27.15 -20.18
C HIS A 77 -16.92 -26.58 -19.62
N SER A 78 -17.26 -26.98 -18.40
CA SER A 78 -18.47 -26.51 -17.74
C SER A 78 -18.22 -26.15 -16.27
N ILE A 79 -19.07 -25.27 -15.76
CA ILE A 79 -19.06 -24.88 -14.34
C ILE A 79 -19.48 -26.07 -13.46
N GLU A 80 -20.20 -27.02 -14.05
CA GLU A 80 -20.70 -28.19 -13.34
C GLU A 80 -19.61 -29.21 -13.06
N ASP A 81 -18.61 -29.25 -13.94
CA ASP A 81 -17.50 -30.20 -13.84
C ASP A 81 -16.70 -30.05 -12.55
N ILE A 82 -16.72 -28.86 -11.97
CA ILE A 82 -15.96 -28.53 -10.76
C ILE A 82 -16.38 -29.39 -9.55
N TYR A 83 -17.69 -29.66 -9.44
CA TYR A 83 -18.24 -30.46 -8.35
C TYR A 83 -17.78 -31.93 -8.39
N GLN A 84 -17.46 -32.41 -9.59
CA GLN A 84 -16.96 -33.77 -9.78
C GLN A 84 -15.43 -33.83 -9.71
N LEU A 85 -14.86 -33.14 -8.74
CA LEU A 85 -13.42 -33.16 -8.50
C LEU A 85 -13.13 -33.50 -7.04
N PRO A 86 -12.33 -34.56 -6.80
CA PRO A 86 -12.04 -35.04 -5.45
C PRO A 86 -11.13 -34.10 -4.67
N GLY A 87 -11.17 -34.21 -3.34
CA GLY A 87 -10.26 -33.47 -2.46
C GLY A 87 -10.61 -32.00 -2.31
N HIS A 88 -9.65 -31.23 -1.79
CA HIS A 88 -9.82 -29.79 -1.62
C HIS A 88 -9.59 -29.08 -2.94
N VAL A 89 -10.62 -28.37 -3.40
CA VAL A 89 -10.55 -27.63 -4.65
C VAL A 89 -10.52 -26.13 -4.39
N PHE A 90 -9.50 -25.46 -4.95
CA PHE A 90 -9.34 -24.01 -4.80
C PHE A 90 -9.67 -23.28 -6.10
N ILE A 91 -10.64 -22.37 -6.03
CA ILE A 91 -10.94 -21.47 -7.15
C ILE A 91 -9.87 -20.40 -7.19
N PHE A 92 -9.09 -20.41 -8.28
CA PHE A 92 -7.85 -19.63 -8.36
C PHE A 92 -8.00 -18.32 -9.15
N GLY A 93 -9.09 -18.19 -9.90
CA GLY A 93 -9.35 -16.98 -10.69
C GLY A 93 -9.53 -17.23 -12.17
N GLY A 94 -9.65 -16.16 -12.96
CA GLY A 94 -9.61 -14.79 -12.48
C GLY A 94 -10.99 -14.20 -12.25
N GLN A 95 -11.17 -12.95 -12.67
CA GLN A 95 -12.40 -12.20 -12.40
C GLN A 95 -13.68 -12.96 -12.75
N THR A 96 -13.80 -13.39 -14.00
CA THR A 96 -15.03 -14.02 -14.48
C THR A 96 -15.35 -15.33 -13.76
N LEU A 97 -14.31 -16.08 -13.39
CA LEU A 97 -14.50 -17.31 -12.62
C LEU A 97 -14.87 -17.02 -11.17
N PHE A 98 -14.26 -15.99 -10.58
CA PHE A 98 -14.62 -15.54 -9.23
C PHE A 98 -16.08 -15.09 -9.15
N GLU A 99 -16.54 -14.39 -10.20
CA GLU A 99 -17.92 -13.91 -10.28
C GLU A 99 -18.92 -15.06 -10.28
N GLU A 100 -18.59 -16.13 -10.98
CA GLU A 100 -19.46 -17.30 -11.10
C GLU A 100 -19.46 -18.16 -9.84
N MET A 101 -18.31 -18.23 -9.18
CA MET A 101 -18.11 -19.18 -8.08
C MET A 101 -18.35 -18.64 -6.67
N ILE A 102 -18.37 -17.31 -6.53
CA ILE A 102 -18.51 -16.66 -5.21
C ILE A 102 -19.75 -17.12 -4.42
N ASP A 103 -20.83 -17.39 -5.15
CA ASP A 103 -22.11 -17.78 -4.56
C ASP A 103 -22.19 -19.28 -4.29
N LYS A 104 -21.16 -20.02 -4.70
CA LYS A 104 -21.18 -21.48 -4.66
C LYS A 104 -20.16 -22.09 -3.70
N VAL A 105 -19.10 -21.34 -3.40
CA VAL A 105 -18.01 -21.84 -2.53
C VAL A 105 -18.43 -21.89 -1.05
N ASP A 106 -17.94 -22.89 -0.34
CA ASP A 106 -18.16 -22.99 1.11
C ASP A 106 -17.25 -22.02 1.82
N ASP A 107 -16.04 -21.90 1.27
CA ASP A 107 -14.90 -21.32 1.96
C ASP A 107 -14.30 -20.19 1.14
N MET A 108 -13.50 -19.34 1.79
CA MET A 108 -12.86 -18.20 1.12
C MET A 108 -11.55 -17.78 1.80
N TYR A 109 -10.44 -17.94 1.08
CA TYR A 109 -9.13 -17.53 1.56
C TYR A 109 -8.68 -16.26 0.84
N ILE A 110 -8.80 -15.13 1.54
CA ILE A 110 -8.52 -13.83 0.95
C ILE A 110 -7.29 -13.17 1.56
N THR A 111 -6.38 -12.72 0.70
CA THR A 111 -5.29 -11.86 1.10
C THR A 111 -5.69 -10.43 0.76
N VAL A 112 -5.96 -9.63 1.77
CA VAL A 112 -6.30 -8.22 1.57
C VAL A 112 -5.02 -7.41 1.51
N ILE A 113 -4.75 -6.85 0.34
CA ILE A 113 -3.63 -5.94 0.13
C ILE A 113 -4.05 -4.56 0.61
N GLU A 114 -3.46 -4.10 1.71
CA GLU A 114 -3.88 -2.84 2.35
C GLU A 114 -3.38 -1.61 1.58
N GLY A 115 -3.77 -1.51 0.32
CA GLY A 115 -3.40 -0.39 -0.54
C GLY A 115 -4.35 -0.25 -1.72
N LYS A 116 -4.12 0.78 -2.54
CA LYS A 116 -4.93 1.03 -3.74
C LYS A 116 -4.06 1.11 -4.99
N PHE A 117 -4.19 0.12 -5.87
CA PHE A 117 -3.41 0.02 -7.09
C PHE A 117 -4.30 0.26 -8.31
N ARG A 118 -3.67 0.59 -9.45
CA ARG A 118 -4.39 0.68 -10.72
C ARG A 118 -4.71 -0.73 -11.22
N GLY A 119 -5.97 -0.95 -11.60
CA GLY A 119 -6.40 -2.26 -12.09
C GLY A 119 -7.52 -2.22 -13.12
N ASP A 120 -7.68 -3.33 -13.84
CA ASP A 120 -8.77 -3.48 -14.81
C ASP A 120 -9.63 -4.72 -14.55
N THR A 121 -9.19 -5.58 -13.64
CA THR A 121 -9.98 -6.71 -13.20
C THR A 121 -10.20 -6.68 -11.69
N PHE A 122 -11.40 -7.08 -11.26
CA PHE A 122 -11.85 -6.90 -9.89
C PHE A 122 -12.40 -8.17 -9.26
N PHE A 123 -12.36 -8.22 -7.93
CA PHE A 123 -13.05 -9.26 -7.17
C PHE A 123 -14.46 -8.76 -6.84
N PRO A 124 -15.47 -9.65 -6.95
CA PRO A 124 -16.86 -9.29 -6.64
C PRO A 124 -17.02 -8.73 -5.23
N PRO A 125 -17.95 -7.78 -5.04
CA PRO A 125 -18.23 -7.27 -3.70
C PRO A 125 -18.87 -8.34 -2.82
N TYR A 126 -18.60 -8.26 -1.52
CA TYR A 126 -19.15 -9.21 -0.56
C TYR A 126 -19.34 -8.54 0.79
N THR A 127 -20.44 -8.86 1.46
CA THR A 127 -20.73 -8.30 2.79
C THR A 127 -20.35 -9.29 3.88
N PHE A 128 -19.99 -8.76 5.06
CA PHE A 128 -19.61 -9.60 6.19
C PHE A 128 -20.81 -10.20 6.93
N GLU A 129 -22.00 -9.86 6.46
CA GLU A 129 -23.25 -10.44 6.97
C GLU A 129 -23.41 -11.88 6.49
N ASP A 130 -22.78 -12.19 5.35
CA ASP A 130 -22.88 -13.51 4.74
C ASP A 130 -21.68 -14.39 5.09
N TRP A 131 -20.59 -13.76 5.53
CA TRP A 131 -19.34 -14.47 5.79
C TRP A 131 -18.83 -14.22 7.21
N GLU A 132 -18.53 -15.29 7.94
CA GLU A 132 -17.91 -15.12 9.25
C GLU A 132 -16.39 -15.23 9.18
N VAL A 133 -15.74 -14.35 9.94
CA VAL A 133 -14.28 -14.29 9.97
C VAL A 133 -13.74 -15.43 10.83
N ALA A 134 -13.33 -16.50 10.16
CA ALA A 134 -12.75 -17.66 10.85
C ALA A 134 -11.37 -17.32 11.42
N SER A 135 -10.59 -16.56 10.66
CA SER A 135 -9.28 -16.08 11.11
C SER A 135 -8.86 -14.83 10.36
N SER A 136 -8.23 -13.91 11.08
CA SER A 136 -7.68 -12.68 10.50
C SER A 136 -6.26 -12.47 10.99
N VAL A 137 -5.29 -12.74 10.12
CA VAL A 137 -3.88 -12.67 10.48
C VAL A 137 -3.16 -11.58 9.67
N GLU A 138 -2.45 -10.70 10.37
CA GLU A 138 -1.60 -9.70 9.72
C GLU A 138 -0.38 -10.35 9.11
N GLY A 139 0.05 -9.80 7.97
CA GLY A 139 1.28 -10.26 7.32
C GLY A 139 2.47 -9.50 7.83
N LYS A 140 3.59 -10.20 8.02
CA LYS A 140 4.83 -9.56 8.49
C LYS A 140 5.52 -8.82 7.35
N LEU A 141 6.11 -7.69 7.68
CA LEU A 141 6.77 -6.85 6.68
C LEU A 141 8.28 -6.88 6.81
N ASP A 142 8.95 -7.27 5.72
CA ASP A 142 10.41 -7.16 5.61
C ASP A 142 10.79 -6.36 4.36
N GLU A 143 12.06 -6.42 3.96
CA GLU A 143 12.52 -5.68 2.78
C GLU A 143 11.89 -6.21 1.48
N LYS A 144 11.60 -7.51 1.47
CA LYS A 144 11.00 -8.16 0.31
C LYS A 144 9.46 -8.04 0.28
N ASN A 145 8.87 -7.82 1.44
CA ASN A 145 7.42 -7.63 1.56
C ASN A 145 7.10 -6.30 2.23
N THR A 146 6.94 -5.25 1.43
CA THR A 146 6.80 -3.88 1.94
C THR A 146 5.38 -3.34 1.93
N ILE A 147 4.46 -4.10 1.32
CA ILE A 147 3.05 -3.71 1.25
C ILE A 147 2.26 -4.41 2.37
N PRO A 148 1.59 -3.63 3.24
CA PRO A 148 0.79 -4.21 4.31
C PRO A 148 -0.31 -5.12 3.77
N HIS A 149 -0.47 -6.29 4.38
CA HIS A 149 -1.47 -7.26 3.95
C HIS A 149 -2.04 -8.08 5.11
N THR A 150 -3.30 -8.45 4.98
CA THR A 150 -4.00 -9.26 5.98
C THR A 150 -4.52 -10.55 5.36
N PHE A 151 -4.24 -11.67 6.01
CA PHE A 151 -4.76 -12.97 5.58
C PHE A 151 -6.10 -13.24 6.25
N LEU A 152 -7.16 -13.27 5.44
CA LEU A 152 -8.51 -13.55 5.92
C LEU A 152 -9.00 -14.92 5.50
N HIS A 153 -9.55 -15.66 6.46
CA HIS A 153 -10.25 -16.91 6.16
C HIS A 153 -11.74 -16.71 6.45
N LEU A 154 -12.54 -16.79 5.40
CA LEU A 154 -13.98 -16.53 5.50
C LEU A 154 -14.79 -17.79 5.23
N ILE A 155 -15.76 -18.04 6.10
CA ILE A 155 -16.66 -19.19 5.96
C ILE A 155 -18.10 -18.69 5.88
N ARG A 156 -18.87 -19.24 4.94
CA ARG A 156 -20.24 -18.81 4.66
C ARG A 156 -21.19 -19.12 5.82
N LYS A 157 -21.98 -18.10 6.21
CA LYS A 157 -22.98 -18.26 7.26
C LYS A 157 -24.23 -18.94 6.71
N THR B 1 8.13 32.24 1.53
CA THR B 1 7.07 31.19 1.38
C THR B 1 7.20 30.14 2.47
N LEU B 2 6.08 29.87 3.15
CA LEU B 2 6.03 28.88 4.21
C LEU B 2 5.16 27.70 3.78
N SER B 3 5.75 26.51 3.76
CA SER B 3 5.07 25.32 3.25
C SER B 3 5.31 24.10 4.13
N ILE B 4 4.31 23.21 4.19
CA ILE B 4 4.44 21.91 4.87
C ILE B 4 4.98 20.85 3.89
N LEU B 5 5.95 20.07 4.35
CA LEU B 5 6.45 18.94 3.59
C LEU B 5 6.22 17.66 4.39
N VAL B 6 5.31 16.81 3.90
CA VAL B 6 4.88 15.63 4.64
C VAL B 6 4.59 14.43 3.72
N ALA B 7 4.76 13.23 4.27
CA ALA B 7 4.32 12.00 3.62
C ALA B 7 3.45 11.20 4.58
N HIS B 8 2.15 11.12 4.31
CA HIS B 8 1.23 10.33 5.12
C HIS B 8 0.50 9.26 4.30
N ASP B 9 0.01 8.23 4.99
CA ASP B 9 -0.75 7.17 4.34
C ASP B 9 -2.24 7.51 4.23
N LEU B 10 -3.05 6.52 3.86
CA LEU B 10 -4.49 6.72 3.63
C LEU B 10 -5.28 7.17 4.86
N GLN B 11 -4.77 6.86 6.05
CA GLN B 11 -5.37 7.35 7.29
C GLN B 11 -4.45 8.31 8.04
N ARG B 12 -3.64 9.03 7.27
CA ARG B 12 -2.77 10.10 7.77
C ARG B 12 -1.69 9.70 8.79
N VAL B 13 -1.28 8.44 8.75
CA VAL B 13 -0.15 7.97 9.55
C VAL B 13 1.12 8.60 8.99
N ILE B 14 1.93 9.18 9.88
CA ILE B 14 3.22 9.74 9.44
C ILE B 14 4.43 8.98 10.00
N GLY B 15 4.27 8.34 11.15
CA GLY B 15 5.36 7.59 11.76
C GLY B 15 4.93 6.50 12.72
N PHE B 16 5.87 5.61 13.03
CA PHE B 16 5.67 4.56 14.03
C PHE B 16 6.98 4.31 14.77
N GLU B 17 6.91 4.43 16.10
CA GLU B 17 8.07 4.26 16.99
C GLU B 17 9.27 5.10 16.54
N ASN B 18 9.06 6.42 16.51
CA ASN B 18 10.09 7.41 16.17
C ASN B 18 10.69 7.27 14.76
N GLN B 19 9.97 6.62 13.85
CA GLN B 19 10.49 6.33 12.52
C GLN B 19 9.41 6.21 11.46
N LEU B 20 9.79 6.39 10.20
CA LEU B 20 8.89 6.23 9.05
C LEU B 20 8.52 4.77 8.87
N PRO B 21 7.21 4.48 8.69
CA PRO B 21 6.71 3.11 8.54
C PRO B 21 6.95 2.52 7.14
N TRP B 22 7.62 3.27 6.28
CA TRP B 22 7.88 2.84 4.90
C TRP B 22 9.18 3.42 4.37
N HIS B 23 9.82 2.70 3.45
CA HIS B 23 10.94 3.25 2.69
C HIS B 23 10.54 3.42 1.24
N LEU B 24 10.60 4.67 0.77
CA LEU B 24 10.19 5.00 -0.59
C LEU B 24 11.18 6.01 -1.21
N PRO B 25 12.18 5.49 -1.96
CA PRO B 25 13.22 6.29 -2.64
C PRO B 25 12.67 7.48 -3.42
N ASN B 26 11.53 7.30 -4.09
CA ASN B 26 10.88 8.36 -4.86
C ASN B 26 10.48 9.57 -4.01
N ASP B 27 10.05 9.30 -2.78
CA ASP B 27 9.69 10.35 -1.84
C ASP B 27 10.94 11.09 -1.34
N LEU B 28 12.03 10.34 -1.16
CA LEU B 28 13.32 10.92 -0.79
C LEU B 28 13.85 11.83 -1.89
N LYS B 29 13.75 11.36 -3.14
CA LYS B 29 14.09 12.15 -4.32
C LYS B 29 13.25 13.42 -4.36
N HIS B 30 11.96 13.27 -4.07
CA HIS B 30 11.01 14.38 -4.03
C HIS B 30 11.39 15.42 -2.98
N VAL B 31 11.81 14.95 -1.81
CA VAL B 31 12.24 15.83 -0.72
C VAL B 31 13.52 16.58 -1.10
N LYS B 32 14.52 15.85 -1.59
CA LYS B 32 15.80 16.42 -2.02
C LYS B 32 15.63 17.44 -3.14
N LYS B 33 14.83 17.09 -4.14
CA LYS B 33 14.60 17.95 -5.31
C LYS B 33 13.87 19.24 -4.94
N LEU B 34 13.16 19.21 -3.81
CA LEU B 34 12.29 20.31 -3.42
C LEU B 34 12.88 21.20 -2.32
N SER B 35 13.68 20.59 -1.44
CA SER B 35 14.21 21.30 -0.26
C SER B 35 15.68 21.74 -0.36
N THR B 36 16.44 21.13 -1.26
CA THR B 36 17.86 21.47 -1.44
C THR B 36 18.04 22.95 -1.78
N GLY B 37 18.93 23.60 -1.04
CA GLY B 37 19.20 25.03 -1.22
C GLY B 37 18.19 25.92 -0.52
N HIS B 38 17.40 25.33 0.37
CA HIS B 38 16.39 26.06 1.14
C HIS B 38 16.50 25.72 2.64
N THR B 39 15.40 25.91 3.36
CA THR B 39 15.38 25.74 4.81
C THR B 39 14.39 24.67 5.26
N LEU B 40 14.83 23.81 6.18
CA LEU B 40 13.96 22.83 6.83
C LEU B 40 13.79 23.16 8.31
N VAL B 41 12.53 23.33 8.74
CA VAL B 41 12.23 23.50 10.15
C VAL B 41 11.59 22.21 10.68
N MET B 42 12.24 21.62 11.68
CA MET B 42 11.77 20.36 12.26
C MET B 42 11.74 20.41 13.79
N GLY B 43 10.85 19.62 14.38
CA GLY B 43 10.77 19.47 15.83
C GLY B 43 11.96 18.70 16.35
N ARG B 44 12.24 18.87 17.63
CA ARG B 44 13.41 18.26 18.28
C ARG B 44 13.43 16.73 18.17
N LYS B 45 12.27 16.10 18.40
CA LYS B 45 12.16 14.64 18.35
C LYS B 45 12.46 14.05 16.97
N THR B 46 12.03 14.75 15.92
CA THR B 46 12.27 14.34 14.54
C THR B 46 13.77 14.33 14.21
N PHE B 47 14.48 15.36 14.66
CA PHE B 47 15.91 15.46 14.44
C PHE B 47 16.69 14.29 15.05
N GLU B 48 16.32 13.92 16.28
CA GLU B 48 16.93 12.79 17.00
C GLU B 48 16.80 11.50 16.20
N SER B 49 15.67 11.35 15.50
CA SER B 49 15.42 10.20 14.64
C SER B 49 16.34 10.18 13.42
N ILE B 50 16.63 11.36 12.89
CA ILE B 50 17.50 11.49 11.72
C ILE B 50 18.98 11.37 12.13
N GLY B 51 19.34 12.02 13.24
CA GLY B 51 20.70 11.95 13.78
C GLY B 51 21.60 13.06 13.28
N LYS B 52 21.81 13.09 11.96
CA LYS B 52 22.64 14.11 11.31
C LYS B 52 21.74 15.18 10.69
N PRO B 53 22.27 16.39 10.46
CA PRO B 53 21.53 17.34 9.62
C PRO B 53 21.56 16.92 8.15
N LEU B 54 20.58 17.35 7.38
CA LEU B 54 20.53 17.02 5.96
C LEU B 54 21.40 17.97 5.15
N PRO B 55 22.28 17.42 4.29
CA PRO B 55 23.24 18.20 3.51
C PRO B 55 22.57 19.13 2.50
N ASN B 56 23.29 20.20 2.13
CA ASN B 56 22.89 21.14 1.07
C ASN B 56 21.58 21.90 1.32
N ARG B 57 21.27 22.11 2.60
CA ARG B 57 20.09 22.88 3.02
C ARG B 57 20.23 23.34 4.47
N ARG B 58 19.59 24.46 4.80
CA ARG B 58 19.65 25.02 6.14
C ARG B 58 18.74 24.26 7.09
N ASN B 59 19.34 23.66 8.12
CA ASN B 59 18.61 22.82 9.07
C ASN B 59 18.31 23.54 10.38
N VAL B 60 17.03 23.85 10.59
CA VAL B 60 16.59 24.52 11.82
C VAL B 60 15.78 23.56 12.70
N VAL B 61 16.15 23.48 13.98
CA VAL B 61 15.46 22.63 14.94
C VAL B 61 14.77 23.48 16.01
N LEU B 62 13.49 23.21 16.22
CA LEU B 62 12.71 23.89 17.25
C LEU B 62 12.69 23.08 18.54
N THR B 63 13.09 23.71 19.63
CA THR B 63 13.16 23.07 20.95
C THR B 63 13.16 24.10 22.08
N SER B 64 12.54 23.73 23.20
CA SER B 64 12.53 24.59 24.39
C SER B 64 13.87 24.53 25.13
N ASP B 65 14.63 23.46 24.87
CA ASP B 65 15.98 23.30 25.41
C ASP B 65 16.93 24.35 24.82
N THR B 66 17.30 25.32 25.65
CA THR B 66 18.16 26.43 25.22
C THR B 66 19.64 26.06 25.19
N SER B 67 19.97 24.88 25.72
CA SER B 67 21.33 24.37 25.72
C SER B 67 21.63 23.54 24.46
N PHE B 68 20.65 23.44 23.58
CA PHE B 68 20.75 22.64 22.36
C PHE B 68 21.87 23.14 21.46
N ASN B 69 22.75 22.22 21.07
CA ASN B 69 23.92 22.56 20.25
C ASN B 69 24.38 21.35 19.43
N VAL B 70 24.14 21.40 18.13
CA VAL B 70 24.59 20.34 17.21
C VAL B 70 25.28 20.96 15.99
N GLU B 71 26.37 20.32 15.55
CA GLU B 71 27.17 20.76 14.40
C GLU B 71 26.35 20.93 13.13
N GLY B 72 26.34 22.16 12.61
CA GLY B 72 25.64 22.48 11.36
C GLY B 72 24.13 22.53 11.47
N VAL B 73 23.64 22.93 12.65
CA VAL B 73 22.21 23.03 12.90
C VAL B 73 21.90 24.34 13.63
N ASP B 74 20.99 25.12 13.07
CA ASP B 74 20.48 26.33 13.73
C ASP B 74 19.35 25.99 14.69
N VAL B 75 19.27 26.73 15.79
CA VAL B 75 18.32 26.43 16.87
C VAL B 75 17.34 27.58 17.08
N ILE B 76 16.06 27.24 17.21
CA ILE B 76 15.02 28.21 17.58
C ILE B 76 14.18 27.66 18.75
N HIS B 77 13.57 28.56 19.52
CA HIS B 77 12.88 28.17 20.75
C HIS B 77 11.41 28.55 20.80
N SER B 78 10.94 29.24 19.76
CA SER B 78 9.53 29.62 19.68
C SER B 78 8.96 29.42 18.28
N ILE B 79 7.64 29.30 18.23
CA ILE B 79 6.92 29.17 16.96
C ILE B 79 6.98 30.48 16.14
N GLU B 80 7.27 31.58 16.85
CA GLU B 80 7.34 32.91 16.26
C GLU B 80 8.61 33.09 15.45
N ASP B 81 9.68 32.41 15.85
CA ASP B 81 10.99 32.51 15.22
C ASP B 81 10.99 32.08 13.75
N ILE B 82 10.03 31.21 13.40
CA ILE B 82 9.91 30.66 12.05
C ILE B 82 9.69 31.75 10.98
N TYR B 83 8.89 32.75 11.32
CA TYR B 83 8.57 33.85 10.39
C TYR B 83 9.78 34.74 10.08
N GLN B 84 10.74 34.77 11.00
CA GLN B 84 11.98 35.52 10.83
C GLN B 84 13.07 34.67 10.18
N LEU B 85 12.70 33.89 9.17
CA LEU B 85 13.65 33.09 8.39
C LEU B 85 13.50 33.38 6.90
N PRO B 86 14.61 33.78 6.25
CA PRO B 86 14.57 34.16 4.83
C PRO B 86 14.39 32.96 3.90
N GLY B 87 13.92 33.23 2.68
CA GLY B 87 13.78 32.21 1.64
C GLY B 87 12.61 31.28 1.82
N HIS B 88 12.62 30.16 1.09
CA HIS B 88 11.58 29.15 1.18
C HIS B 88 11.81 28.28 2.40
N VAL B 89 10.82 28.27 3.30
CA VAL B 89 10.90 27.51 4.54
C VAL B 89 9.93 26.33 4.49
N PHE B 90 10.46 25.13 4.72
CA PHE B 90 9.66 23.91 4.71
C PHE B 90 9.48 23.36 6.13
N ILE B 91 8.22 23.22 6.55
CA ILE B 91 7.89 22.56 7.81
C ILE B 91 8.03 21.05 7.59
N PHE B 92 8.99 20.45 8.29
CA PHE B 92 9.44 19.09 8.02
C PHE B 92 8.84 18.04 8.96
N GLY B 93 8.26 18.49 10.08
CA GLY B 93 7.66 17.59 11.06
C GLY B 93 8.23 17.71 12.45
N GLY B 94 7.82 16.83 13.38
CA GLY B 94 6.83 15.78 13.12
C GLY B 94 5.43 16.18 13.50
N GLN B 95 4.70 15.24 14.10
CA GLN B 95 3.28 15.42 14.43
C GLN B 95 2.96 16.75 15.11
N THR B 96 3.61 17.00 16.26
CA THR B 96 3.30 18.18 17.07
C THR B 96 3.58 19.49 16.35
N LEU B 97 4.63 19.51 15.52
CA LEU B 97 4.95 20.68 14.71
C LEU B 97 3.97 20.87 13.56
N PHE B 98 3.55 19.76 12.93
CA PHE B 98 2.53 19.80 11.88
C PHE B 98 1.19 20.32 12.41
N GLU B 99 0.85 19.93 13.64
CA GLU B 99 -0.39 20.36 14.30
C GLU B 99 -0.43 21.87 14.54
N GLU B 100 0.72 22.42 14.92
CA GLU B 100 0.85 23.85 15.19
C GLU B 100 0.90 24.69 13.91
N MET B 101 1.49 24.13 12.87
CA MET B 101 1.79 24.91 11.65
C MET B 101 0.77 24.80 10.52
N ILE B 102 -0.11 23.80 10.58
CA ILE B 102 -1.08 23.55 9.51
C ILE B 102 -1.97 24.75 9.19
N ASP B 103 -2.34 25.52 10.22
CA ASP B 103 -3.21 26.69 10.04
C ASP B 103 -2.44 27.96 9.68
N LYS B 104 -1.12 27.85 9.59
CA LYS B 104 -0.24 29.00 9.39
C LYS B 104 0.44 29.00 8.02
N VAL B 105 0.63 27.81 7.44
CA VAL B 105 1.36 27.66 6.17
C VAL B 105 0.55 28.14 4.97
N ASP B 106 1.23 28.73 4.00
CA ASP B 106 0.60 29.14 2.73
C ASP B 106 0.40 27.91 1.87
N ASP B 107 1.39 27.02 1.94
CA ASP B 107 1.59 25.98 0.95
C ASP B 107 1.64 24.62 1.62
N MET B 108 1.45 23.55 0.84
CA MET B 108 1.47 22.19 1.38
C MET B 108 1.89 21.16 0.32
N TYR B 109 3.04 20.53 0.53
CA TYR B 109 3.54 19.47 -0.35
C TYR B 109 3.36 18.11 0.32
N ILE B 110 2.35 17.37 -0.12
CA ILE B 110 1.98 16.09 0.50
C ILE B 110 2.23 14.92 -0.43
N THR B 111 2.94 13.92 0.08
CA THR B 111 3.05 12.62 -0.58
C THR B 111 2.03 11.70 0.08
N VAL B 112 0.98 11.35 -0.65
CA VAL B 112 -0.03 10.43 -0.14
C VAL B 112 0.40 9.00 -0.45
N ILE B 113 0.70 8.24 0.59
CA ILE B 113 1.02 6.84 0.47
C ILE B 113 -0.29 6.06 0.38
N GLU B 114 -0.56 5.48 -0.78
CA GLU B 114 -1.84 4.83 -1.05
C GLU B 114 -1.95 3.45 -0.37
N GLY B 115 -1.81 3.44 0.95
CA GLY B 115 -1.90 2.22 1.75
C GLY B 115 -2.21 2.53 3.20
N LYS B 116 -2.39 1.49 4.01
CA LYS B 116 -2.56 1.67 5.45
C LYS B 116 -1.57 0.88 6.29
N PHE B 117 -0.75 1.61 7.02
CA PHE B 117 0.35 1.06 7.82
C PHE B 117 0.03 1.25 9.31
N ARG B 118 0.69 0.47 10.16
CA ARG B 118 0.59 0.68 11.61
C ARG B 118 1.41 1.91 12.00
N GLY B 119 0.80 2.79 12.80
CA GLY B 119 1.45 4.02 13.24
C GLY B 119 1.03 4.52 14.61
N ASP B 120 1.84 5.40 15.17
CA ASP B 120 1.53 6.05 16.45
C ASP B 120 1.57 7.57 16.37
N THR B 121 2.05 8.10 15.24
CA THR B 121 2.03 9.53 14.98
C THR B 121 1.28 9.84 13.68
N PHE B 122 0.51 10.92 13.69
CA PHE B 122 -0.43 11.23 12.61
C PHE B 122 -0.30 12.65 12.07
N PHE B 123 -0.76 12.84 10.84
CA PHE B 123 -0.91 14.17 10.26
C PHE B 123 -2.32 14.66 10.57
N PRO B 124 -2.47 15.96 10.93
CA PRO B 124 -3.78 16.54 11.20
C PRO B 124 -4.76 16.39 10.04
N PRO B 125 -6.06 16.22 10.34
CA PRO B 125 -7.08 16.16 9.31
C PRO B 125 -7.21 17.49 8.57
N TYR B 126 -7.55 17.44 7.30
CA TYR B 126 -7.73 18.63 6.48
C TYR B 126 -8.77 18.39 5.39
N THR B 127 -9.60 19.40 5.17
CA THR B 127 -10.65 19.34 4.15
C THR B 127 -10.20 20.01 2.86
N PHE B 128 -10.71 19.52 1.73
CA PHE B 128 -10.34 20.08 0.43
C PHE B 128 -11.12 21.35 0.09
N GLU B 129 -12.00 21.77 0.99
CA GLU B 129 -12.69 23.04 0.86
C GLU B 129 -11.79 24.22 1.25
N ASP B 130 -10.75 23.93 2.03
CA ASP B 130 -9.77 24.94 2.44
C ASP B 130 -8.54 24.95 1.54
N TRP B 131 -8.33 23.86 0.80
CA TRP B 131 -7.12 23.70 0.00
C TRP B 131 -7.42 23.40 -1.48
N GLU B 132 -6.80 24.19 -2.35
CA GLU B 132 -6.86 24.00 -3.80
C GLU B 132 -5.81 22.99 -4.25
N VAL B 133 -6.20 22.03 -5.08
CA VAL B 133 -5.25 21.09 -5.66
C VAL B 133 -4.50 21.78 -6.80
N ALA B 134 -3.30 22.28 -6.50
CA ALA B 134 -2.44 22.93 -7.48
C ALA B 134 -1.89 21.92 -8.49
N SER B 135 -1.49 20.75 -8.00
CA SER B 135 -1.04 19.65 -8.86
C SER B 135 -1.20 18.31 -8.14
N SER B 136 -1.57 17.29 -8.91
CA SER B 136 -1.71 15.92 -8.42
C SER B 136 -1.01 14.96 -9.38
N VAL B 137 0.16 14.49 -8.98
CA VAL B 137 0.98 13.64 -9.84
C VAL B 137 1.15 12.26 -9.21
N GLU B 138 0.87 11.23 -10.01
CA GLU B 138 1.07 9.85 -9.58
C GLU B 138 2.56 9.52 -9.58
N GLY B 139 2.97 8.68 -8.62
CA GLY B 139 4.36 8.24 -8.54
C GLY B 139 4.56 6.97 -9.35
N LYS B 140 5.70 6.88 -10.04
CA LYS B 140 6.02 5.71 -10.85
C LYS B 140 6.50 4.56 -9.97
N LEU B 141 6.10 3.35 -10.34
CA LEU B 141 6.43 2.16 -9.56
C LEU B 141 7.48 1.28 -10.24
N ASP B 142 8.59 1.05 -9.55
CA ASP B 142 9.60 0.08 -9.98
C ASP B 142 9.85 -0.94 -8.88
N GLU B 143 10.95 -1.69 -8.98
CA GLU B 143 11.31 -2.71 -7.99
C GLU B 143 11.64 -2.09 -6.64
N LYS B 144 12.19 -0.88 -6.68
CA LYS B 144 12.63 -0.15 -5.49
C LYS B 144 11.49 0.66 -4.86
N ASN B 145 10.48 1.00 -5.68
CA ASN B 145 9.30 1.74 -5.23
C ASN B 145 8.02 0.94 -5.53
N THR B 146 7.60 0.11 -4.59
CA THR B 146 6.48 -0.83 -4.81
C THR B 146 5.15 -0.39 -4.19
N ILE B 147 5.18 0.68 -3.41
CA ILE B 147 3.97 1.19 -2.77
C ILE B 147 3.42 2.37 -3.57
N PRO B 148 2.14 2.30 -3.99
CA PRO B 148 1.53 3.38 -4.77
C PRO B 148 1.50 4.68 -4.00
N HIS B 149 1.85 5.78 -4.66
CA HIS B 149 1.92 7.09 -4.01
C HIS B 149 1.56 8.21 -4.97
N THR B 150 0.93 9.25 -4.42
CA THR B 150 0.56 10.43 -5.20
C THR B 150 1.18 11.70 -4.61
N PHE B 151 1.81 12.50 -5.46
CA PHE B 151 2.38 13.77 -5.05
C PHE B 151 1.35 14.88 -5.20
N LEU B 152 0.94 15.45 -4.06
CA LEU B 152 -0.05 16.52 -4.04
C LEU B 152 0.59 17.85 -3.64
N HIS B 153 0.30 18.89 -4.41
CA HIS B 153 0.65 20.26 -4.02
C HIS B 153 -0.63 21.03 -3.72
N LEU B 154 -0.77 21.44 -2.46
CA LEU B 154 -1.98 22.10 -1.98
C LEU B 154 -1.70 23.56 -1.60
N ILE B 155 -2.56 24.45 -2.08
CA ILE B 155 -2.47 25.87 -1.79
C ILE B 155 -3.76 26.33 -1.11
N ARG B 156 -3.60 27.12 -0.04
CA ARG B 156 -4.73 27.55 0.78
C ARG B 156 -5.67 28.51 0.04
N LYS B 157 -6.97 28.21 0.11
CA LYS B 157 -8.02 29.09 -0.42
C LYS B 157 -8.13 30.35 0.43
#